data_8TWQ
#
_entry.id   8TWQ
#
_cell.length_a   55.649
_cell.length_b   55.649
_cell.length_c   322.121
_cell.angle_alpha   90.000
_cell.angle_beta   90.000
_cell.angle_gamma   120.000
#
_symmetry.space_group_name_H-M   'P 32 2 1'
#
loop_
_entity.id
_entity.type
_entity.pdbx_description
1 polymer 'Protein rexA'
2 non-polymer 'SULFATE ION'
3 non-polymer 'CADMIUM ION'
4 water water
#
_entity_poly.entity_id   1
_entity_poly.type   'polypeptide(L)'
_entity_poly.pdbx_seq_one_letter_code
;(MSE)KNGFYATYRSKNKGKDKRSINLSVFLNSLLADNHHLQVGSNYLYIHKIDGKTFLFTKTNDKSLVQKINRSKASVE
DIKNSLADDESLGFPSFLFVEGDTIGFARTVFGPTTSDLTDFLIGKG(MSE)SLSSGERVQIEPL(MSE)RGTTKDDV
(MSE)H(MSE)HFIGRTTVKVEAKLPVFGDILKVLGATDIEGELFDSLDIVIKPKFKRDIKKVAKDIIFNPSPQFSDISL
RAKDEAGDILTEHYLSEKGHLSAPLNKVTNAEIAEE(MSE)AYCYAR(MSE)KSDILECFKRQVGKVKD
;
_entity_poly.pdbx_strand_id   A,B
#
loop_
_chem_comp.id
_chem_comp.type
_chem_comp.name
_chem_comp.formula
CD non-polymer 'CADMIUM ION' 'Cd 2'
SO4 non-polymer 'SULFATE ION' 'O4 S -2'
#
# COMPACT_ATOMS: atom_id res chain seq x y z
N MSE A 1 17.22 4.25 -23.71
CA MSE A 1 15.88 4.70 -24.00
C MSE A 1 15.25 5.35 -22.78
O MSE A 1 15.41 4.87 -21.66
CB MSE A 1 15.00 3.53 -24.44
CG MSE A 1 14.92 3.33 -25.93
SE MSE A 1 13.40 2.22 -26.44
CE MSE A 1 13.95 0.52 -25.62
N LYS A 2 14.52 6.45 -23.01
CA LYS A 2 13.68 7.03 -21.97
C LYS A 2 12.50 6.09 -21.72
N ASN A 3 12.24 5.76 -20.46
CA ASN A 3 11.19 4.79 -20.16
C ASN A 3 10.65 5.02 -18.76
N GLY A 4 9.43 4.54 -18.54
CA GLY A 4 8.78 4.75 -17.26
C GLY A 4 7.56 3.88 -17.10
N PHE A 5 6.99 3.95 -15.90
CA PHE A 5 5.73 3.30 -15.57
C PHE A 5 4.70 4.36 -15.22
N TYR A 6 3.51 4.25 -15.82
CA TYR A 6 2.49 5.28 -15.76
C TYR A 6 1.14 4.66 -15.39
N ALA A 7 0.27 5.51 -14.82
CA ALA A 7 -1.16 5.21 -14.67
C ALA A 7 -1.94 5.87 -15.79
N THR A 8 -3.01 5.21 -16.25
CA THR A 8 -3.86 5.74 -17.31
C THR A 8 -5.31 5.75 -16.82
N TYR A 9 -6.00 6.87 -17.06
CA TYR A 9 -7.40 7.02 -16.65
C TYR A 9 -8.00 8.25 -17.33
N ARG A 10 -9.33 8.33 -17.26
CA ARG A 10 -10.06 9.52 -17.67
C ARG A 10 -10.41 10.31 -16.41
N SER A 11 -10.03 11.58 -16.39
CA SER A 11 -10.07 12.38 -15.17
C SER A 11 -11.00 13.57 -15.35
N LYS A 12 -11.78 13.86 -14.32
CA LYS A 12 -12.58 15.08 -14.27
C LYS A 12 -12.80 15.47 -12.81
N ASN A 13 -13.51 16.59 -12.60
CA ASN A 13 -13.88 17.12 -11.28
C ASN A 13 -12.64 17.40 -10.43
N LYS A 14 -11.88 18.40 -10.86
CA LYS A 14 -10.64 18.79 -10.22
C LYS A 14 -9.66 17.62 -10.16
N GLY A 15 -9.84 16.64 -11.05
CA GLY A 15 -9.11 15.39 -11.00
C GLY A 15 -9.59 14.39 -9.98
N LYS A 16 -10.68 14.69 -9.26
CA LYS A 16 -11.12 13.78 -8.20
C LYS A 16 -11.78 12.52 -8.76
N ASP A 17 -12.41 12.63 -9.92
CA ASP A 17 -13.16 11.54 -10.55
C ASP A 17 -12.31 10.92 -11.65
N LYS A 18 -11.99 9.64 -11.51
CA LYS A 18 -11.06 8.97 -12.40
C LYS A 18 -11.68 7.66 -12.88
N ARG A 19 -11.73 7.47 -14.20
CA ARG A 19 -12.42 6.35 -14.84
C ARG A 19 -11.45 5.57 -15.72
N SER A 20 -11.60 4.25 -15.76
CA SER A 20 -10.70 3.43 -16.58
C SER A 20 -10.88 3.71 -18.06
N ILE A 21 -9.76 3.78 -18.80
CA ILE A 21 -9.81 3.91 -20.25
C ILE A 21 -9.79 2.57 -20.97
N ASN A 22 -9.62 1.47 -20.25
CA ASN A 22 -9.68 0.12 -20.81
C ASN A 22 -8.82 0.01 -22.07
N LEU A 23 -7.52 0.24 -21.87
CA LEU A 23 -6.62 0.52 -22.98
C LEU A 23 -6.40 -0.71 -23.86
N SER A 24 -6.22 -1.89 -23.23
CA SER A 24 -6.05 -3.13 -23.99
C SER A 24 -7.21 -3.36 -24.94
N VAL A 25 -8.44 -3.35 -24.39
CA VAL A 25 -9.65 -3.48 -25.22
C VAL A 25 -9.65 -2.46 -26.35
N PHE A 26 -9.41 -1.19 -26.01
CA PHE A 26 -9.53 -0.12 -26.99
C PHE A 26 -8.53 -0.29 -28.14
N LEU A 27 -7.26 -0.59 -27.81
CA LEU A 27 -6.25 -0.75 -28.86
C LEU A 27 -6.50 -2.01 -29.68
N ASN A 28 -6.85 -3.12 -29.03
CA ASN A 28 -7.12 -4.35 -29.75
C ASN A 28 -8.32 -4.21 -30.66
N SER A 29 -9.14 -3.18 -30.47
CA SER A 29 -10.31 -2.94 -31.32
C SER A 29 -9.95 -2.19 -32.60
N LEU A 30 -8.71 -1.74 -32.76
CA LEU A 30 -8.32 -1.02 -33.98
C LEU A 30 -7.46 -1.90 -34.88
N ASN A 34 -6.48 0.65 -40.48
CA ASN A 34 -6.82 1.63 -39.44
C ASN A 34 -5.74 1.75 -38.36
N HIS A 35 -4.47 1.76 -38.75
CA HIS A 35 -3.37 1.79 -37.80
C HIS A 35 -2.78 3.20 -37.62
N HIS A 36 -3.12 4.13 -38.51
CA HIS A 36 -2.48 5.44 -38.58
C HIS A 36 -3.45 6.53 -38.14
N LEU A 37 -2.90 7.55 -37.49
CA LEU A 37 -3.56 8.83 -37.29
C LEU A 37 -2.63 9.90 -37.81
N GLN A 38 -3.15 10.79 -38.64
CA GLN A 38 -2.39 11.95 -39.09
C GLN A 38 -2.74 13.09 -38.15
N VAL A 39 -1.72 13.67 -37.51
CA VAL A 39 -1.87 14.84 -36.66
C VAL A 39 -1.02 15.92 -37.30
N GLY A 40 -1.66 16.81 -38.06
CA GLY A 40 -0.94 17.83 -38.81
C GLY A 40 -0.08 17.23 -39.90
N SER A 41 1.22 17.49 -39.85
CA SER A 41 2.12 16.85 -40.80
C SER A 41 2.75 15.56 -40.26
N ASN A 42 2.36 15.11 -39.06
CA ASN A 42 2.86 13.87 -38.48
C ASN A 42 1.86 12.75 -38.64
N TYR A 43 2.36 11.53 -38.56
CA TYR A 43 1.54 10.32 -38.60
C TYR A 43 1.96 9.44 -37.43
N LEU A 44 0.99 9.03 -36.62
CA LEU A 44 1.24 8.09 -35.55
C LEU A 44 0.75 6.71 -35.97
N TYR A 45 1.39 5.66 -35.44
CA TYR A 45 1.13 4.29 -35.86
C TYR A 45 1.22 3.37 -34.66
N ILE A 46 0.16 2.64 -34.38
CA ILE A 46 0.20 1.55 -33.41
C ILE A 46 0.02 0.22 -34.15
N HIS A 47 0.91 -0.72 -33.86
CA HIS A 47 0.69 -2.12 -34.25
C HIS A 47 1.10 -2.95 -33.04
N LYS A 48 0.39 -4.05 -32.81
CA LYS A 48 0.78 -5.01 -31.77
C LYS A 48 2.11 -5.69 -32.11
N ILE A 49 2.92 -5.94 -31.08
CA ILE A 49 4.12 -6.75 -31.26
C ILE A 49 3.78 -8.18 -30.81
N ASP A 50 3.49 -8.34 -29.52
CA ASP A 50 3.19 -9.63 -28.93
C ASP A 50 2.58 -9.42 -27.57
N GLY A 51 1.49 -10.12 -27.27
CA GLY A 51 0.96 -10.17 -25.93
C GLY A 51 0.45 -8.83 -25.47
N LYS A 52 1.17 -8.21 -24.53
CA LYS A 52 0.73 -6.94 -23.96
C LYS A 52 1.55 -5.75 -24.45
N THR A 53 2.41 -5.94 -25.45
CA THR A 53 3.25 -4.84 -25.96
C THR A 53 2.83 -4.43 -27.36
N PHE A 54 2.73 -3.12 -27.57
CA PHE A 54 2.41 -2.52 -28.86
C PHE A 54 3.56 -1.63 -29.33
N LEU A 55 3.76 -1.58 -30.63
CA LEU A 55 4.75 -0.66 -31.20
C LEU A 55 4.05 0.66 -31.55
N PHE A 56 4.65 1.78 -31.15
CA PHE A 56 4.07 3.11 -31.34
C PHE A 56 5.11 3.98 -32.05
N THR A 57 4.82 4.40 -33.27
CA THR A 57 5.81 5.12 -34.05
C THR A 57 5.24 6.42 -34.55
N LYS A 58 6.16 7.27 -35.03
CA LYS A 58 5.87 8.60 -35.53
C LYS A 58 6.73 8.87 -36.75
N THR A 59 6.15 9.54 -37.74
CA THR A 59 6.88 10.00 -38.93
C THR A 59 6.14 11.18 -39.54
N ASN A 60 6.88 11.98 -40.29
CA ASN A 60 6.25 12.98 -41.14
C ASN A 60 6.66 12.84 -42.60
N ASP A 61 7.26 11.71 -42.96
CA ASP A 61 7.57 11.41 -44.34
C ASP A 61 6.34 10.79 -44.97
N LYS A 62 5.64 11.56 -45.80
CA LYS A 62 4.42 11.08 -46.43
C LYS A 62 4.67 9.82 -47.25
N SER A 63 5.79 9.77 -47.98
CA SER A 63 6.04 8.62 -48.83
C SER A 63 6.26 7.34 -48.00
N LEU A 64 6.89 7.46 -46.82
CA LEU A 64 6.96 6.31 -45.93
C LEU A 64 5.58 5.83 -45.53
N VAL A 65 4.64 6.76 -45.35
CA VAL A 65 3.30 6.43 -44.87
C VAL A 65 2.52 5.65 -45.92
N GLN A 66 2.65 6.06 -47.18
CA GLN A 66 1.92 5.37 -48.24
C GLN A 66 2.50 3.98 -48.48
N LYS A 67 3.81 3.81 -48.23
CA LYS A 67 4.47 2.51 -48.38
C LYS A 67 4.04 1.53 -47.29
N ILE A 68 4.09 1.95 -46.04
CA ILE A 68 3.51 1.17 -44.94
C ILE A 68 2.08 0.75 -45.29
N ASN A 69 1.27 1.71 -45.75
CA ASN A 69 -0.15 1.47 -46.00
C ASN A 69 -0.34 0.37 -47.04
N ARG A 70 0.46 0.39 -48.12
CA ARG A 70 0.32 -0.64 -49.14
C ARG A 70 0.97 -1.95 -48.71
N SER A 71 2.16 -1.89 -48.11
CA SER A 71 2.87 -3.08 -47.66
C SER A 71 2.01 -3.94 -46.74
N LYS A 72 1.41 -3.32 -45.72
CA LYS A 72 0.56 -4.01 -44.75
C LYS A 72 1.35 -5.09 -44.00
N ALA A 73 2.28 -4.63 -43.15
CA ALA A 73 3.21 -5.52 -42.47
C ALA A 73 2.50 -6.45 -41.50
N SER A 74 2.79 -7.74 -41.63
CA SER A 74 2.24 -8.81 -40.81
C SER A 74 2.79 -8.71 -39.39
N VAL A 75 2.03 -9.26 -38.44
CA VAL A 75 2.50 -9.31 -37.04
C VAL A 75 3.91 -9.88 -36.96
N GLU A 76 4.17 -10.94 -37.75
CA GLU A 76 5.47 -11.60 -37.74
C GLU A 76 6.56 -10.74 -38.32
N ASP A 77 6.24 -9.98 -39.36
CA ASP A 77 7.21 -9.05 -39.95
C ASP A 77 7.67 -8.02 -38.93
N ILE A 78 6.76 -7.53 -38.09
CA ILE A 78 7.11 -6.45 -37.18
C ILE A 78 7.93 -6.99 -36.01
N LYS A 79 7.59 -8.20 -35.52
CA LYS A 79 8.31 -8.79 -34.40
C LYS A 79 9.79 -8.96 -34.70
N ASN A 80 10.12 -9.42 -35.89
CA ASN A 80 11.49 -9.74 -36.27
C ASN A 80 12.23 -8.55 -36.85
N SER A 81 11.57 -7.41 -36.96
CA SER A 81 12.23 -6.21 -37.44
C SER A 81 13.24 -5.72 -36.42
N LEU A 82 14.40 -5.28 -36.91
CA LEU A 82 15.33 -4.56 -36.06
C LEU A 82 14.60 -3.39 -35.42
N ALA A 83 14.66 -3.32 -34.09
CA ALA A 83 13.94 -2.24 -33.41
C ALA A 83 14.49 -0.89 -33.84
N ASP A 84 15.78 -0.82 -34.06
CA ASP A 84 16.45 0.41 -34.44
C ASP A 84 16.19 0.79 -35.91
N ASP A 85 15.43 -0.02 -36.66
CA ASP A 85 15.38 0.09 -38.12
C ASP A 85 14.42 1.16 -38.63
N GLU A 86 13.38 1.49 -37.85
CA GLU A 86 12.43 2.57 -38.17
C GLU A 86 11.90 2.45 -39.59
N SER A 87 11.62 1.23 -40.03
CA SER A 87 10.87 1.07 -41.27
C SER A 87 9.39 1.40 -41.08
N LEU A 88 8.95 1.58 -39.83
CA LEU A 88 7.59 1.99 -39.51
C LEU A 88 7.54 3.38 -38.91
N GLY A 89 8.67 4.07 -38.85
CA GLY A 89 8.78 5.33 -38.15
C GLY A 89 9.65 5.19 -36.91
N PHE A 90 9.89 6.33 -36.27
CA PHE A 90 10.75 6.31 -35.08
C PHE A 90 9.96 5.72 -33.91
N PRO A 91 10.52 4.76 -33.18
CA PRO A 91 9.68 3.89 -32.34
C PRO A 91 9.60 4.27 -30.87
N SER A 92 8.44 3.99 -30.28
CA SER A 92 8.29 3.92 -28.84
C SER A 92 7.66 2.56 -28.56
N PHE A 93 7.67 2.13 -27.31
CA PHE A 93 7.15 0.81 -26.97
C PHE A 93 6.21 0.96 -25.80
N LEU A 94 5.09 0.27 -25.87
CA LEU A 94 3.97 0.48 -24.97
C LEU A 94 3.47 -0.88 -24.47
N PHE A 95 3.71 -1.16 -23.19
CA PHE A 95 3.21 -2.35 -22.53
C PHE A 95 1.97 -1.96 -21.72
N VAL A 96 0.92 -2.77 -21.80
CA VAL A 96 -0.37 -2.42 -21.20
C VAL A 96 -0.80 -3.51 -20.22
N GLU A 97 -1.13 -3.10 -19.00
CA GLU A 97 -1.79 -4.02 -18.08
C GLU A 97 -2.76 -3.22 -17.20
N GLY A 98 -4.05 -3.48 -17.38
CA GLY A 98 -5.07 -2.78 -16.61
C GLY A 98 -4.97 -1.27 -16.79
N ASP A 99 -4.75 -0.56 -15.69
CA ASP A 99 -4.69 0.89 -15.71
C ASP A 99 -3.26 1.40 -15.72
N THR A 100 -2.32 0.54 -16.00
CA THR A 100 -0.91 0.89 -16.00
C THR A 100 -0.33 0.68 -17.39
N ILE A 101 0.75 1.42 -17.70
CA ILE A 101 1.56 1.11 -18.87
C ILE A 101 3.05 1.21 -18.52
N GLY A 102 3.84 0.35 -19.16
CA GLY A 102 5.23 0.63 -19.36
C GLY A 102 5.35 1.35 -20.69
N PHE A 103 6.21 2.36 -20.72
CA PHE A 103 6.38 3.15 -21.94
C PHE A 103 7.83 3.51 -22.08
N ALA A 104 8.41 3.22 -23.24
CA ALA A 104 9.82 3.44 -23.50
C ALA A 104 9.97 4.10 -24.85
N ARG A 105 10.52 5.30 -24.90
CA ARG A 105 10.68 5.99 -26.16
C ARG A 105 12.15 6.20 -26.50
N THR A 106 12.44 6.06 -27.78
CA THR A 106 13.70 6.50 -28.35
C THR A 106 13.65 8.00 -28.57
N VAL A 107 14.83 8.59 -28.73
CA VAL A 107 14.92 10.04 -28.65
C VAL A 107 14.02 10.72 -29.68
N PHE A 108 13.75 10.05 -30.81
CA PHE A 108 12.86 10.62 -31.82
C PHE A 108 11.53 9.90 -31.91
N GLY A 109 11.25 8.97 -31.00
CA GLY A 109 9.98 8.30 -30.94
C GLY A 109 8.89 9.16 -30.36
N PRO A 110 7.64 8.74 -30.54
CA PRO A 110 6.52 9.51 -30.00
C PRO A 110 6.48 9.49 -28.48
N THR A 111 5.90 10.56 -27.92
CA THR A 111 5.82 10.78 -26.48
C THR A 111 4.46 10.32 -25.94
N THR A 112 4.29 10.43 -24.61
CA THR A 112 3.02 10.08 -23.99
C THR A 112 1.91 11.09 -24.31
N SER A 113 2.27 12.30 -24.77
CA SER A 113 1.24 13.18 -25.32
C SER A 113 0.81 12.73 -26.71
N ASP A 114 1.77 12.34 -27.55
CA ASP A 114 1.42 11.70 -28.81
C ASP A 114 0.46 10.54 -28.60
N LEU A 115 0.72 9.71 -27.59
CA LEU A 115 -0.16 8.57 -27.34
C LEU A 115 -1.55 9.04 -26.95
N THR A 116 -1.64 10.08 -26.12
CA THR A 116 -2.93 10.64 -25.76
C THR A 116 -3.62 11.23 -26.98
N ASP A 117 -2.86 11.98 -27.80
CA ASP A 117 -3.33 12.44 -29.11
C ASP A 117 -3.95 11.30 -29.90
N PHE A 118 -3.26 10.16 -29.96
CA PHE A 118 -3.66 9.05 -30.81
C PHE A 118 -4.96 8.41 -30.30
N LEU A 119 -5.05 8.14 -29.00
CA LEU A 119 -6.29 7.60 -28.44
C LEU A 119 -7.47 8.54 -28.68
N ILE A 120 -7.23 9.85 -28.62
CA ILE A 120 -8.30 10.82 -28.75
C ILE A 120 -8.75 10.93 -30.19
N GLY A 121 -7.81 11.12 -31.11
CA GLY A 121 -8.13 11.17 -32.52
C GLY A 121 -8.67 9.87 -33.07
N LYS A 122 -8.54 8.76 -32.33
CA LYS A 122 -9.12 7.49 -32.67
C LYS A 122 -10.45 7.26 -31.96
N GLY A 123 -11.01 8.30 -31.35
CA GLY A 123 -12.36 8.24 -30.82
C GLY A 123 -12.50 7.70 -29.41
N MSE A 124 -11.49 7.83 -28.57
CA MSE A 124 -11.81 7.60 -27.17
C MSE A 124 -12.83 8.59 -26.70
O MSE A 124 -12.71 9.77 -26.99
CB MSE A 124 -10.63 7.70 -26.25
CG MSE A 124 -11.12 7.32 -24.89
SE MSE A 124 -10.09 5.90 -24.20
CE MSE A 124 -8.41 6.91 -24.13
N SER A 125 -13.83 8.10 -25.98
CA SER A 125 -14.95 8.91 -25.56
C SER A 125 -14.65 9.63 -24.26
N LEU A 126 -14.94 10.93 -24.23
CA LEU A 126 -14.76 11.77 -23.06
C LEU A 126 -16.11 12.36 -22.63
N SER A 127 -16.26 12.58 -21.33
CA SER A 127 -17.44 13.23 -20.80
C SER A 127 -17.15 14.73 -20.69
N SER A 128 -18.12 15.49 -20.22
CA SER A 128 -17.95 16.94 -20.09
C SER A 128 -16.91 17.29 -19.03
N GLY A 129 -15.94 18.11 -19.40
CA GLY A 129 -14.83 18.44 -18.50
C GLY A 129 -13.87 17.31 -18.23
N GLU A 130 -13.85 16.28 -19.06
CA GLU A 130 -13.07 15.08 -18.80
C GLU A 130 -11.89 15.02 -19.76
N ARG A 131 -10.72 14.66 -19.24
CA ARG A 131 -9.54 14.48 -20.06
C ARG A 131 -8.93 13.11 -19.78
N VAL A 132 -8.27 12.58 -20.80
CA VAL A 132 -7.45 11.39 -20.67
C VAL A 132 -6.11 11.82 -20.08
N GLN A 133 -5.63 11.05 -19.11
CA GLN A 133 -4.37 11.36 -18.47
C GLN A 133 -3.47 10.13 -18.38
N ILE A 134 -2.23 10.29 -18.83
CA ILE A 134 -1.17 9.33 -18.58
C ILE A 134 -0.26 9.92 -17.51
N GLU A 135 -0.27 9.34 -16.31
CA GLU A 135 0.42 9.93 -15.18
C GLU A 135 1.66 9.12 -14.82
N PRO A 136 2.85 9.72 -14.84
CA PRO A 136 4.07 9.01 -14.43
C PRO A 136 4.00 8.55 -12.98
N LEU A 137 4.35 7.29 -12.75
CA LEU A 137 4.46 6.71 -11.41
C LEU A 137 5.90 6.46 -10.99
N MSE A 138 6.78 6.28 -11.96
CA MSE A 138 8.09 5.70 -11.77
C MSE A 138 8.84 5.91 -13.07
O MSE A 138 8.51 5.29 -14.08
CB MSE A 138 7.99 4.21 -11.45
CG MSE A 138 8.29 3.88 -10.02
SE MSE A 138 7.87 2.05 -9.57
CE MSE A 138 7.48 2.30 -7.67
N ARG A 139 9.85 6.77 -13.04
CA ARG A 139 10.65 7.07 -14.21
C ARG A 139 11.98 6.31 -14.12
N GLY A 140 12.31 5.58 -15.18
CA GLY A 140 13.56 4.86 -15.21
C GLY A 140 14.75 5.79 -15.17
N THR A 141 15.82 5.31 -14.54
CA THR A 141 17.04 6.09 -14.42
C THR A 141 18.23 5.13 -14.48
N THR A 142 19.43 5.70 -14.39
CA THR A 142 20.65 4.94 -14.51
C THR A 142 21.57 5.27 -13.35
N LYS A 143 22.54 4.37 -13.10
CA LYS A 143 23.54 4.61 -12.08
C LYS A 143 24.29 5.91 -12.33
N ASP A 144 24.54 6.20 -13.60
CA ASP A 144 25.09 7.50 -13.98
C ASP A 144 24.27 8.64 -13.39
N ASP A 145 22.95 8.64 -13.65
CA ASP A 145 22.11 9.75 -13.21
C ASP A 145 22.10 9.89 -11.70
N VAL A 146 22.06 8.76 -10.97
CA VAL A 146 22.06 8.76 -9.51
C VAL A 146 23.28 9.51 -8.97
N MSE A 147 24.40 9.44 -9.67
CA MSE A 147 25.64 10.11 -9.27
C MSE A 147 25.53 11.63 -9.17
O MSE A 147 26.29 12.27 -8.43
CB MSE A 147 26.74 9.76 -10.24
CG MSE A 147 27.66 8.68 -9.81
SE MSE A 147 29.32 9.03 -10.75
CE MSE A 147 28.54 9.63 -12.46
N HIS A 148 24.65 12.22 -9.98
CA HIS A 148 24.42 13.65 -9.95
C HIS A 148 23.24 14.00 -9.06
N MSE A 149 22.76 13.07 -8.26
CA MSE A 149 21.60 13.30 -7.44
C MSE A 149 22.13 13.70 -6.08
O MSE A 149 23.04 13.06 -5.55
CB MSE A 149 20.76 12.04 -7.36
CG MSE A 149 19.92 11.81 -8.61
SE MSE A 149 18.32 10.75 -8.22
CE MSE A 149 19.06 9.00 -7.93
N HIS A 150 21.58 14.78 -5.52
CA HIS A 150 22.08 15.37 -4.29
C HIS A 150 21.11 15.25 -3.13
N PHE A 151 19.93 14.66 -3.34
CA PHE A 151 19.05 14.27 -2.23
C PHE A 151 18.34 12.96 -2.58
N ILE A 152 18.37 11.99 -1.67
CA ILE A 152 17.70 10.70 -1.85
C ILE A 152 16.88 10.42 -0.59
N GLY A 153 15.58 10.24 -0.76
CA GLY A 153 14.68 10.05 0.37
C GLY A 153 14.42 8.59 0.68
N ARG A 154 13.14 8.21 0.78
CA ARG A 154 12.77 6.81 0.99
C ARG A 154 13.23 5.96 -0.19
N THR A 155 13.70 4.74 0.11
CA THR A 155 14.46 3.94 -0.84
C THR A 155 14.08 2.47 -0.68
N THR A 156 13.76 1.79 -1.79
CA THR A 156 13.28 0.41 -1.76
C THR A 156 14.19 -0.49 -2.59
N VAL A 157 14.76 -1.49 -1.93
CA VAL A 157 15.69 -2.43 -2.53
C VAL A 157 14.90 -3.69 -2.83
N LYS A 158 14.70 -4.01 -4.11
CA LYS A 158 14.01 -5.23 -4.45
C LYS A 158 15.05 -6.34 -4.61
N VAL A 159 14.78 -7.49 -4.00
CA VAL A 159 15.67 -8.64 -4.06
C VAL A 159 14.87 -9.83 -4.58
N GLU A 160 15.02 -10.17 -5.86
CA GLU A 160 14.42 -11.40 -6.35
C GLU A 160 14.91 -12.59 -5.52
N ALA A 161 14.04 -13.59 -5.37
CA ALA A 161 14.38 -14.71 -4.50
C ALA A 161 15.57 -15.53 -5.01
N LYS A 162 15.95 -15.37 -6.28
CA LYS A 162 17.08 -16.11 -6.84
C LYS A 162 18.44 -15.59 -6.36
N LEU A 163 18.54 -14.29 -6.03
CA LEU A 163 19.77 -13.73 -5.51
C LEU A 163 20.17 -14.41 -4.20
N PRO A 164 21.47 -14.59 -3.95
CA PRO A 164 21.89 -15.24 -2.70
C PRO A 164 21.59 -14.43 -1.44
N VAL A 165 21.53 -13.10 -1.54
CA VAL A 165 21.27 -12.27 -0.37
C VAL A 165 19.82 -12.39 0.11
N PHE A 166 18.91 -12.89 -0.74
CA PHE A 166 17.54 -13.18 -0.30
C PHE A 166 17.55 -14.14 0.89
N GLY A 167 18.21 -15.29 0.74
CA GLY A 167 18.30 -16.23 1.84
C GLY A 167 19.18 -15.74 2.98
N ASP A 168 20.18 -14.92 2.67
CA ASP A 168 21.00 -14.34 3.74
C ASP A 168 20.15 -13.46 4.64
N ILE A 169 19.32 -12.61 4.05
CA ILE A 169 18.46 -11.71 4.81
C ILE A 169 17.47 -12.51 5.65
N LEU A 170 16.83 -13.51 5.05
CA LEU A 170 15.84 -14.28 5.78
C LEU A 170 16.47 -14.96 6.99
N LYS A 171 17.71 -15.44 6.84
CA LYS A 171 18.36 -16.15 7.94
C LYS A 171 18.75 -15.19 9.07
N VAL A 172 19.24 -14.00 8.70
CA VAL A 172 19.45 -12.94 9.70
C VAL A 172 18.20 -12.76 10.55
N LEU A 173 17.03 -12.64 9.90
CA LEU A 173 15.80 -12.49 10.65
C LEU A 173 15.41 -13.73 11.43
N GLY A 174 16.09 -14.85 11.19
CA GLY A 174 15.86 -16.08 11.92
C GLY A 174 15.21 -17.19 11.14
N ALA A 175 15.13 -17.08 9.82
CA ALA A 175 14.48 -18.11 9.01
C ALA A 175 15.53 -19.11 8.57
N THR A 176 15.44 -20.33 9.06
CA THR A 176 16.44 -21.37 8.81
C THR A 176 15.91 -22.49 7.91
N ASP A 177 14.82 -22.23 7.19
CA ASP A 177 14.20 -23.27 6.38
C ASP A 177 13.47 -22.58 5.23
N ILE A 178 14.25 -22.16 4.23
CA ILE A 178 13.74 -21.35 3.14
C ILE A 178 13.62 -22.23 1.90
N GLU A 179 12.39 -22.37 1.38
CA GLU A 179 12.11 -23.00 0.09
C GLU A 179 11.90 -21.89 -0.94
N GLY A 180 13.02 -21.36 -1.44
CA GLY A 180 12.99 -20.18 -2.31
C GLY A 180 11.99 -20.19 -3.45
N GLU A 181 11.54 -21.39 -3.83
CA GLU A 181 10.55 -21.49 -4.90
C GLU A 181 9.18 -20.97 -4.47
N LEU A 182 8.90 -20.93 -3.15
CA LEU A 182 7.65 -20.38 -2.66
C LEU A 182 7.57 -18.87 -2.83
N PHE A 183 8.69 -18.22 -3.11
CA PHE A 183 8.80 -16.79 -2.89
C PHE A 183 8.98 -16.08 -4.20
N ASP A 184 8.53 -14.83 -4.24
CA ASP A 184 8.77 -13.97 -5.38
C ASP A 184 10.03 -13.12 -5.16
N SER A 185 10.05 -12.38 -4.07
CA SER A 185 11.13 -11.47 -3.75
C SER A 185 10.88 -10.94 -2.34
N LEU A 186 11.78 -10.08 -1.90
CA LEU A 186 11.52 -9.21 -0.76
C LEU A 186 11.91 -7.80 -1.16
N ASP A 187 11.33 -6.82 -0.47
CA ASP A 187 11.72 -5.42 -0.58
C ASP A 187 12.28 -4.96 0.76
N ILE A 188 13.36 -4.20 0.71
CA ILE A 188 13.88 -3.49 1.88
C ILE A 188 13.49 -2.03 1.71
N VAL A 189 12.43 -1.62 2.41
CA VAL A 189 11.95 -0.24 2.34
C VAL A 189 12.69 0.55 3.40
N ILE A 190 13.56 1.46 2.97
CA ILE A 190 14.41 2.21 3.90
C ILE A 190 13.79 3.59 4.09
N LYS A 191 13.29 3.83 5.29
CA LYS A 191 12.57 5.06 5.62
C LYS A 191 13.41 5.99 6.49
N PRO A 192 13.82 7.14 5.97
CA PRO A 192 14.50 8.15 6.79
C PRO A 192 13.55 8.93 7.70
N LYS A 193 14.16 9.61 8.67
CA LYS A 193 13.41 10.56 9.48
C LYS A 193 12.87 11.66 8.58
N PHE A 194 11.87 12.39 9.10
CA PHE A 194 11.15 13.36 8.28
C PHE A 194 12.11 14.24 7.48
N LYS A 195 12.05 14.05 6.17
CA LYS A 195 12.78 14.82 5.15
C LYS A 195 14.29 14.79 5.35
N ARG A 196 14.84 13.82 6.09
CA ARG A 196 16.29 13.65 6.16
C ARG A 196 16.81 13.00 4.88
N ASP A 197 18.10 13.29 4.57
CA ASP A 197 18.76 12.88 3.32
C ASP A 197 19.60 11.62 3.56
N ILE A 198 19.23 10.50 2.91
CA ILE A 198 19.94 9.25 3.17
C ILE A 198 20.73 8.77 1.95
N LYS A 199 21.25 9.71 1.16
CA LYS A 199 21.95 9.34 -0.05
C LYS A 199 23.21 8.52 0.19
N LYS A 200 23.81 8.60 1.37
CA LYS A 200 25.03 7.82 1.63
C LYS A 200 24.75 6.33 1.64
N VAL A 201 23.85 5.86 2.51
CA VAL A 201 23.45 4.46 2.50
C VAL A 201 22.90 4.07 1.13
N ALA A 202 22.14 4.97 0.50
CA ALA A 202 21.50 4.70 -0.78
C ALA A 202 22.51 4.49 -1.88
N LYS A 203 23.44 5.44 -2.02
CA LYS A 203 24.48 5.30 -3.04
C LYS A 203 25.39 4.11 -2.76
N ASP A 204 25.70 3.84 -1.49
CA ASP A 204 26.54 2.69 -1.13
C ASP A 204 25.93 1.40 -1.63
N ILE A 205 24.60 1.30 -1.60
CA ILE A 205 23.94 0.08 -2.07
C ILE A 205 23.89 0.07 -3.60
N ILE A 206 23.36 1.15 -4.18
CA ILE A 206 23.19 1.26 -5.62
C ILE A 206 24.51 1.07 -6.34
N PHE A 207 25.62 1.57 -5.78
CA PHE A 207 26.92 1.54 -6.44
C PHE A 207 27.82 0.43 -5.95
N ASN A 208 27.30 -0.52 -5.16
CA ASN A 208 28.02 -1.72 -4.77
C ASN A 208 28.55 -2.44 -6.00
N PRO A 209 29.88 -2.58 -6.17
CA PRO A 209 30.40 -3.29 -7.35
C PRO A 209 29.97 -4.75 -7.42
N SER A 210 29.50 -5.32 -6.31
CA SER A 210 28.85 -6.63 -6.23
C SER A 210 27.41 -6.45 -5.80
N PRO A 211 26.50 -6.11 -6.72
CA PRO A 211 25.18 -5.61 -6.31
C PRO A 211 24.37 -6.67 -5.58
N GLN A 212 23.77 -6.27 -4.47
CA GLN A 212 22.88 -7.15 -3.71
C GLN A 212 21.42 -6.86 -4.00
N PHE A 213 21.09 -6.53 -5.24
CA PHE A 213 19.70 -6.17 -5.53
C PHE A 213 19.35 -6.58 -6.95
N SER A 214 18.04 -6.64 -7.21
CA SER A 214 17.49 -6.79 -8.56
C SER A 214 17.06 -5.46 -9.15
N ASP A 215 16.44 -4.61 -8.35
CA ASP A 215 15.92 -3.34 -8.76
C ASP A 215 15.88 -2.46 -7.52
N ILE A 216 15.96 -1.15 -7.71
CA ILE A 216 15.76 -0.19 -6.63
C ILE A 216 14.81 0.89 -7.13
N SER A 217 13.92 1.37 -6.25
CA SER A 217 13.17 2.58 -6.52
C SER A 217 13.40 3.56 -5.36
N LEU A 218 13.40 4.84 -5.67
CA LEU A 218 13.72 5.85 -4.68
C LEU A 218 13.01 7.16 -4.99
N ARG A 219 12.69 7.89 -3.91
CA ARG A 219 12.23 9.27 -3.99
C ARG A 219 13.45 10.20 -3.93
N ALA A 220 13.62 11.05 -4.94
CA ALA A 220 14.85 11.83 -5.01
C ALA A 220 14.71 13.01 -5.94
N LYS A 221 15.57 14.02 -5.71
CA LYS A 221 15.71 15.20 -6.55
C LYS A 221 17.10 15.22 -7.18
N ASP A 222 17.15 15.37 -8.53
CA ASP A 222 18.41 15.44 -9.25
C ASP A 222 19.24 16.63 -8.76
N GLU A 223 19.00 17.80 -9.33
CA GLU A 223 19.69 18.99 -8.85
C GLU A 223 18.92 19.56 -7.64
N ALA A 224 19.24 20.79 -7.24
CA ALA A 224 18.71 21.35 -6.00
C ALA A 224 17.50 22.24 -6.27
N GLY A 225 16.43 22.01 -5.51
CA GLY A 225 15.24 22.81 -5.62
C GLY A 225 14.08 22.15 -6.30
N ASP A 226 14.11 20.84 -6.51
CA ASP A 226 13.06 20.17 -7.24
C ASP A 226 12.10 19.48 -6.27
N LEU A 228 10.51 15.72 -4.70
CA LEU A 228 10.73 14.29 -4.58
C LEU A 228 10.11 13.60 -5.78
N THR A 229 10.90 12.77 -6.47
CA THR A 229 10.45 12.09 -7.68
C THR A 229 10.72 10.59 -7.55
N GLU A 230 9.72 9.77 -7.83
CA GLU A 230 9.89 8.32 -7.75
C GLU A 230 10.65 7.82 -8.98
N HIS A 231 11.88 7.36 -8.78
CA HIS A 231 12.68 6.77 -9.84
C HIS A 231 12.84 5.28 -9.59
N TYR A 232 13.28 4.56 -10.62
CA TYR A 232 13.62 3.15 -10.47
C TYR A 232 14.83 2.84 -11.32
N LEU A 233 15.56 1.81 -10.89
CA LEU A 233 16.84 1.45 -11.48
C LEU A 233 16.91 -0.06 -11.53
N SER A 234 17.21 -0.58 -12.72
CA SER A 234 17.20 -2.02 -12.96
C SER A 234 18.64 -2.51 -13.05
N GLU A 235 18.97 -3.51 -12.23
CA GLU A 235 20.12 -4.34 -12.53
C GLU A 235 20.01 -4.84 -13.97
N LYS A 236 21.11 -4.70 -14.73
CA LYS A 236 21.21 -4.91 -16.17
C LYS A 236 21.15 -3.56 -16.90
N GLY A 237 19.97 -2.91 -16.84
CA GLY A 237 19.68 -1.73 -17.64
C GLY A 237 18.76 -2.08 -18.79
N HIS A 238 19.31 -2.76 -19.80
CA HIS A 238 18.57 -3.29 -20.95
C HIS A 238 17.74 -2.21 -21.63
N LEU A 239 16.60 -1.85 -21.04
CA LEU A 239 15.78 -0.79 -21.63
C LEU A 239 16.53 0.55 -21.62
N SER A 240 17.26 0.82 -20.54
CA SER A 240 18.06 2.03 -20.45
C SER A 240 19.16 2.07 -21.48
N ALA A 241 19.57 0.91 -21.99
CA ALA A 241 20.59 0.83 -23.02
C ALA A 241 20.02 1.28 -24.36
N PRO A 242 20.88 1.64 -25.32
CA PRO A 242 20.39 2.06 -26.63
C PRO A 242 19.81 0.90 -27.46
N LEU A 243 19.04 1.30 -28.47
CA LEU A 243 18.42 0.36 -29.43
C LEU A 243 19.47 0.00 -30.48
N ASN A 244 20.15 -1.11 -30.21
CA ASN A 244 21.29 -1.54 -31.07
C ASN A 244 20.87 -2.50 -32.19
N LYS A 245 21.08 -3.77 -31.91
CA LYS A 245 20.87 -4.90 -32.80
C LYS A 245 19.71 -5.69 -32.25
N VAL A 246 18.89 -5.07 -31.39
CA VAL A 246 17.73 -5.87 -30.93
C VAL A 246 16.48 -5.66 -31.78
N THR A 247 15.55 -6.61 -31.66
CA THR A 247 14.28 -6.64 -32.44
C THR A 247 13.10 -6.16 -31.59
N ASN A 248 12.04 -5.72 -32.27
CA ASN A 248 10.84 -5.25 -31.56
C ASN A 248 10.32 -6.31 -30.61
N ALA A 249 10.37 -7.58 -31.02
CA ALA A 249 9.90 -8.64 -30.16
C ALA A 249 10.76 -8.80 -28.93
N GLU A 250 12.07 -8.63 -29.07
CA GLU A 250 12.96 -8.75 -27.92
C GLU A 250 12.66 -7.65 -26.90
N ILE A 251 12.53 -6.41 -27.38
CA ILE A 251 12.09 -5.30 -26.53
C ILE A 251 10.81 -5.66 -25.80
N ALA A 252 9.84 -6.26 -26.51
CA ALA A 252 8.57 -6.59 -25.88
C ALA A 252 8.78 -7.59 -24.74
N GLU A 253 9.61 -8.61 -24.96
CA GLU A 253 9.97 -9.55 -23.90
C GLU A 253 10.56 -8.84 -22.70
N GLU A 254 11.44 -7.86 -22.95
CA GLU A 254 12.03 -7.06 -21.88
C GLU A 254 10.98 -6.23 -21.15
N MSE A 255 10.15 -5.49 -21.90
CA MSE A 255 9.01 -4.77 -21.35
C MSE A 255 8.22 -5.62 -20.34
O MSE A 255 7.98 -5.22 -19.19
CB MSE A 255 8.03 -4.37 -22.46
CG MSE A 255 8.50 -3.34 -23.49
SE MSE A 255 8.95 -1.58 -22.84
CE MSE A 255 7.17 -0.95 -22.31
N ALA A 256 7.80 -6.80 -20.82
CA ALA A 256 7.01 -7.69 -20.00
C ALA A 256 7.80 -8.13 -18.78
N TYR A 257 9.07 -8.52 -18.98
CA TYR A 257 9.89 -8.99 -17.87
C TYR A 257 10.10 -7.88 -16.84
N CYS A 258 10.39 -6.66 -17.31
CA CYS A 258 10.57 -5.53 -16.39
C CYS A 258 9.27 -5.26 -15.63
N TYR A 259 8.14 -5.19 -16.33
CA TYR A 259 6.86 -4.94 -15.67
C TYR A 259 6.56 -6.01 -14.62
N ALA A 260 6.75 -7.27 -14.98
CA ALA A 260 6.48 -8.35 -14.04
C ALA A 260 7.25 -8.14 -12.74
N ARG A 261 8.53 -7.79 -12.84
CA ARG A 261 9.35 -7.52 -11.67
C ARG A 261 8.73 -6.42 -10.81
N MSE A 262 8.70 -5.17 -11.32
CA MSE A 262 8.18 -4.01 -10.59
C MSE A 262 6.72 -3.99 -10.22
O MSE A 262 6.27 -3.00 -9.62
CB MSE A 262 8.39 -2.70 -11.37
CG MSE A 262 9.78 -2.32 -11.81
SE MSE A 262 11.15 -2.77 -10.50
CE MSE A 262 10.60 -1.79 -8.89
N LYS A 263 5.96 -5.02 -10.59
CA LYS A 263 4.51 -4.96 -10.51
C LYS A 263 4.05 -4.42 -9.15
N SER A 264 4.48 -5.08 -8.07
CA SER A 264 4.24 -4.60 -6.72
C SER A 264 4.47 -3.10 -6.59
N ASP A 265 5.65 -2.64 -6.98
CA ASP A 265 6.03 -1.25 -6.74
C ASP A 265 5.18 -0.28 -7.53
N ILE A 266 4.84 -0.64 -8.78
CA ILE A 266 3.97 0.21 -9.59
C ILE A 266 2.59 0.31 -8.94
N LEU A 267 2.04 -0.83 -8.53
CA LEU A 267 0.70 -0.88 -7.96
C LEU A 267 0.61 -0.14 -6.62
N GLU A 268 1.75 0.14 -5.98
CA GLU A 268 1.71 0.91 -4.75
C GLU A 268 1.88 2.40 -5.02
N CYS A 269 2.81 2.77 -5.91
CA CYS A 269 2.89 4.16 -6.32
C CYS A 269 1.58 4.59 -6.97
N PHE A 270 0.88 3.65 -7.61
CA PHE A 270 -0.50 3.84 -8.05
C PHE A 270 -1.36 4.34 -6.91
N LYS A 271 -1.70 3.43 -5.98
CA LYS A 271 -2.64 3.77 -4.91
C LYS A 271 -2.21 5.01 -4.11
N ARG A 272 -0.90 5.27 -4.02
CA ARG A 272 -0.46 6.49 -3.37
C ARG A 272 -0.70 7.70 -4.27
N GLN A 273 -0.17 7.68 -5.50
CA GLN A 273 -0.14 8.89 -6.31
C GLN A 273 -1.46 9.19 -7.03
N VAL A 274 -2.30 8.18 -7.30
CA VAL A 274 -3.48 8.39 -8.12
C VAL A 274 -4.69 7.82 -7.39
N GLY A 275 -4.49 6.75 -6.66
CA GLY A 275 -5.54 6.20 -5.81
C GLY A 275 -6.41 5.19 -6.56
N LYS A 276 -7.68 5.55 -6.75
CA LYS A 276 -8.70 4.63 -7.25
C LYS A 276 -9.23 5.11 -8.59
N VAL A 277 -9.27 4.20 -9.56
CA VAL A 277 -9.76 4.46 -10.90
C VAL A 277 -10.93 3.50 -11.10
N LYS A 278 -12.16 4.03 -11.18
CA LYS A 278 -13.34 3.20 -11.39
C LYS A 278 -13.23 2.50 -12.74
N ASP A 279 -13.50 1.20 -12.75
CA ASP A 279 -13.23 0.42 -13.95
C ASP A 279 -14.52 -0.06 -14.62
N MSE B 1 -5.85 -8.74 25.90
CA MSE B 1 -7.07 -8.31 25.23
C MSE B 1 -7.00 -8.52 23.73
O MSE B 1 -5.93 -8.41 23.15
CB MSE B 1 -7.31 -6.83 25.50
CG MSE B 1 -7.50 -6.54 26.97
SE MSE B 1 -8.09 -4.70 27.19
CE MSE B 1 -6.37 -3.85 26.78
N LYS B 2 -8.13 -8.83 23.11
CA LYS B 2 -8.18 -8.90 21.66
C LYS B 2 -8.30 -7.48 21.14
N ASN B 3 -7.57 -7.17 20.07
CA ASN B 3 -7.43 -5.79 19.63
C ASN B 3 -7.47 -5.71 18.11
N GLY B 4 -7.81 -4.53 17.61
CA GLY B 4 -7.90 -4.32 16.18
C GLY B 4 -8.06 -2.86 15.87
N PHE B 5 -8.00 -2.54 14.57
CA PHE B 5 -8.24 -1.21 14.05
C PHE B 5 -9.38 -1.25 13.05
N TYR B 6 -10.23 -0.22 13.07
CA TYR B 6 -11.48 -0.23 12.34
C TYR B 6 -11.71 1.12 11.68
N ALA B 7 -12.45 1.10 10.57
CA ALA B 7 -13.05 2.28 10.00
C ALA B 7 -14.43 2.49 10.62
N THR B 8 -14.88 3.74 10.66
CA THR B 8 -16.24 4.07 11.08
C THR B 8 -16.83 5.06 10.08
N TYR B 9 -18.14 4.94 9.87
CA TYR B 9 -18.91 5.83 9.00
C TYR B 9 -20.36 5.37 9.05
N ARG B 10 -21.24 6.18 8.46
CA ARG B 10 -22.62 5.79 8.24
C ARG B 10 -22.90 5.94 6.75
N SER B 11 -23.74 5.05 6.20
CA SER B 11 -23.91 5.05 4.75
C SER B 11 -25.19 4.35 4.34
N LYS B 12 -25.58 4.57 3.08
CA LYS B 12 -26.58 3.73 2.43
C LYS B 12 -26.04 2.30 2.31
N ASN B 13 -26.92 1.37 1.93
CA ASN B 13 -26.53 -0.02 1.73
C ASN B 13 -25.47 -0.11 0.62
N LYS B 14 -24.64 -1.16 0.67
CA LYS B 14 -23.50 -1.32 -0.24
C LYS B 14 -22.48 -0.18 -0.12
N GLY B 15 -22.36 0.44 1.06
CA GLY B 15 -21.37 1.48 1.28
C GLY B 15 -21.51 2.72 0.42
N LYS B 16 -22.67 2.95 -0.17
CA LYS B 16 -22.87 4.16 -0.99
C LYS B 16 -23.03 5.37 -0.10
N ASP B 17 -22.45 6.49 -0.52
CA ASP B 17 -22.54 7.76 0.23
C ASP B 17 -22.09 7.58 1.68
N LYS B 18 -20.90 7.02 1.84
CA LYS B 18 -20.31 6.95 3.18
C LYS B 18 -20.10 8.35 3.75
N ARG B 19 -20.48 8.54 5.00
CA ARG B 19 -20.20 9.82 5.62
C ARG B 19 -19.77 9.60 7.06
N SER B 20 -18.94 10.52 7.55
CA SER B 20 -18.37 10.42 8.88
C SER B 20 -19.45 10.46 9.95
N ILE B 21 -19.25 9.70 11.02
CA ILE B 21 -20.20 9.72 12.12
C ILE B 21 -19.79 10.68 13.22
N ASN B 22 -18.74 11.48 13.00
CA ASN B 22 -18.18 12.40 13.99
C ASN B 22 -18.15 11.78 15.38
N LEU B 23 -17.37 10.71 15.49
CA LEU B 23 -17.48 9.86 16.67
C LEU B 23 -17.00 10.56 17.93
N SER B 24 -15.87 11.27 17.84
CA SER B 24 -15.37 12.03 19.00
C SER B 24 -16.39 13.06 19.47
N VAL B 25 -16.85 13.93 18.57
CA VAL B 25 -17.89 14.90 18.93
C VAL B 25 -19.12 14.18 19.51
N PHE B 26 -19.56 13.11 18.85
CA PHE B 26 -20.77 12.44 19.32
C PHE B 26 -20.61 11.96 20.75
N LEU B 27 -19.50 11.27 21.04
CA LEU B 27 -19.34 10.65 22.35
C LEU B 27 -19.07 11.69 23.42
N ASN B 28 -18.26 12.72 23.09
CA ASN B 28 -17.98 13.79 24.04
C ASN B 28 -19.25 14.55 24.43
N SER B 29 -20.21 14.66 23.52
CA SER B 29 -21.45 15.33 23.82
C SER B 29 -22.33 14.54 24.77
N LEU B 30 -22.08 13.23 24.94
CA LEU B 30 -22.89 12.39 25.82
C LEU B 30 -22.45 12.41 27.27
N LEU B 31 -21.29 12.98 27.58
CA LEU B 31 -20.72 12.75 28.89
C LEU B 31 -21.44 13.55 29.96
N ALA B 32 -21.89 14.77 29.65
CA ALA B 32 -22.45 15.67 30.67
C ALA B 32 -23.69 15.08 31.32
N ASP B 33 -24.53 14.43 30.53
CA ASP B 33 -25.74 13.76 31.05
C ASP B 33 -25.52 12.26 30.80
N ASN B 34 -24.66 11.62 31.59
CA ASN B 34 -24.21 10.26 31.27
C ASN B 34 -25.06 9.20 31.95
N HIS B 35 -25.73 8.39 31.13
CA HIS B 35 -26.50 7.23 31.55
C HIS B 35 -26.24 6.08 30.59
N HIS B 36 -26.46 4.87 31.10
CA HIS B 36 -26.37 3.68 30.28
C HIS B 36 -27.40 3.70 29.15
N LEU B 37 -27.12 2.90 28.14
CA LEU B 37 -28.14 2.46 27.21
C LEU B 37 -28.42 1.01 27.53
N GLN B 38 -29.68 0.67 27.75
CA GLN B 38 -30.04 -0.72 27.91
C GLN B 38 -30.45 -1.31 26.55
N VAL B 39 -29.91 -2.48 26.24
CA VAL B 39 -30.15 -3.17 24.98
C VAL B 39 -30.48 -4.61 25.33
N GLY B 40 -31.74 -4.97 25.21
CA GLY B 40 -32.18 -6.25 25.75
C GLY B 40 -31.92 -6.31 27.23
N SER B 41 -31.26 -7.39 27.65
CA SER B 41 -30.86 -7.57 29.02
C SER B 41 -29.46 -7.03 29.31
N ASN B 42 -28.86 -6.33 28.36
CA ASN B 42 -27.53 -5.76 28.55
C ASN B 42 -27.63 -4.27 28.87
N TYR B 43 -26.70 -3.81 29.70
CA TYR B 43 -26.50 -2.39 29.98
C TYR B 43 -25.11 -2.01 29.50
N LEU B 44 -25.02 -0.88 28.79
CA LEU B 44 -23.77 -0.42 28.19
C LEU B 44 -23.51 1.01 28.62
N TYR B 45 -22.24 1.30 28.97
CA TYR B 45 -21.81 2.61 29.47
C TYR B 45 -20.56 3.07 28.73
N ILE B 46 -20.46 4.38 28.54
CA ILE B 46 -19.25 5.01 28.03
C ILE B 46 -18.76 6.05 29.03
N HIS B 47 -17.44 6.06 29.28
CA HIS B 47 -16.82 7.05 30.16
C HIS B 47 -15.48 7.47 29.56
N LYS B 48 -15.18 8.76 29.61
CA LYS B 48 -13.96 9.27 29.03
C LYS B 48 -12.76 8.86 29.89
N ILE B 49 -11.67 8.48 29.23
CA ILE B 49 -10.39 8.30 29.89
C ILE B 49 -9.49 9.51 29.64
N ASP B 50 -9.27 9.85 28.37
CA ASP B 50 -8.55 11.07 28.03
C ASP B 50 -9.16 11.64 26.74
N GLY B 51 -8.44 12.53 26.08
CA GLY B 51 -9.01 13.22 24.92
C GLY B 51 -9.47 12.28 23.82
N LYS B 52 -8.70 11.22 23.55
CA LYS B 52 -9.01 10.33 22.45
C LYS B 52 -9.50 8.95 22.87
N THR B 53 -9.52 8.61 24.17
CA THR B 53 -9.81 7.24 24.57
C THR B 53 -10.95 7.17 25.57
N PHE B 54 -11.85 6.22 25.35
CA PHE B 54 -13.03 6.02 26.15
C PHE B 54 -13.02 4.61 26.73
N LEU B 55 -13.66 4.47 27.88
CA LEU B 55 -13.92 3.17 28.48
C LEU B 55 -15.36 2.76 28.16
N PHE B 56 -15.52 1.60 27.55
CA PHE B 56 -16.78 1.07 27.07
C PHE B 56 -17.02 -0.21 27.84
N THR B 57 -18.04 -0.22 28.69
CA THR B 57 -18.25 -1.31 29.62
C THR B 57 -19.62 -1.91 29.38
N LYS B 58 -19.80 -3.14 29.85
CA LYS B 58 -21.06 -3.83 29.61
C LYS B 58 -21.37 -4.71 30.81
N THR B 59 -22.66 -4.77 31.18
CA THR B 59 -23.10 -5.69 32.21
C THR B 59 -24.56 -6.06 31.98
N ASN B 60 -24.92 -7.27 32.42
CA ASN B 60 -26.31 -7.68 32.53
C ASN B 60 -26.67 -8.01 33.99
N ASP B 61 -25.81 -7.58 34.93
CA ASP B 61 -26.02 -7.80 36.36
C ASP B 61 -26.73 -6.58 36.93
N LYS B 62 -27.97 -6.77 37.40
CA LYS B 62 -28.78 -5.64 37.83
C LYS B 62 -28.23 -5.00 39.11
N SER B 63 -27.56 -5.78 39.97
CA SER B 63 -26.93 -5.23 41.16
C SER B 63 -25.68 -4.42 40.84
N LEU B 64 -25.06 -4.66 39.69
CA LEU B 64 -23.98 -3.78 39.26
C LEU B 64 -24.54 -2.52 38.61
N VAL B 65 -25.61 -2.65 37.84
CA VAL B 65 -26.31 -1.48 37.32
C VAL B 65 -26.70 -0.56 38.47
N GLN B 66 -27.16 -1.15 39.59
CA GLN B 66 -27.56 -0.38 40.77
C GLN B 66 -26.38 0.34 41.40
N LYS B 67 -25.27 -0.36 41.56
CA LYS B 67 -24.10 0.22 42.20
C LYS B 67 -23.56 1.40 41.39
N ILE B 68 -23.59 1.29 40.05
CA ILE B 68 -23.11 2.36 39.17
C ILE B 68 -23.99 3.59 39.29
N ASN B 69 -25.30 3.39 39.37
CA ASN B 69 -26.21 4.52 39.45
C ASN B 69 -26.02 5.29 40.76
N ARG B 70 -25.67 4.58 41.82
CA ARG B 70 -25.53 5.18 43.14
C ARG B 70 -24.10 5.64 43.46
N SER B 71 -23.11 5.22 42.67
CA SER B 71 -21.71 5.58 42.91
C SER B 71 -21.27 6.71 42.01
N LYS B 72 -22.03 7.80 42.01
CA LYS B 72 -21.85 8.85 41.02
C LYS B 72 -20.44 9.44 41.03
N ALA B 73 -19.77 9.45 42.21
CA ALA B 73 -18.45 10.09 42.36
C ALA B 73 -17.34 9.19 41.84
N SER B 74 -17.31 7.93 42.30
CA SER B 74 -16.44 6.94 41.67
C SER B 74 -16.64 6.88 40.16
N VAL B 75 -17.79 7.34 39.65
CA VAL B 75 -18.07 7.15 38.24
C VAL B 75 -17.34 8.17 37.37
N GLU B 76 -17.05 9.34 37.92
CA GLU B 76 -16.57 10.49 37.12
C GLU B 76 -15.04 10.55 36.97
N ASP B 77 -14.29 9.97 37.87
CA ASP B 77 -12.82 9.94 37.73
C ASP B 77 -12.38 8.49 37.64
N ILE B 78 -11.92 8.09 36.45
CA ILE B 78 -11.67 6.68 36.14
C ILE B 78 -10.32 6.56 35.45
N LYS B 79 -9.78 7.71 35.04
CA LYS B 79 -8.50 7.74 34.34
C LYS B 79 -7.43 7.02 35.14
N ASN B 80 -7.47 7.15 36.47
CA ASN B 80 -6.44 6.58 37.33
C ASN B 80 -6.96 5.40 38.13
N SER B 81 -7.99 4.72 37.65
CA SER B 81 -8.42 3.48 38.26
C SER B 81 -7.73 2.28 37.61
N LEU B 82 -7.64 1.20 38.37
CA LEU B 82 -7.19 -0.06 37.81
C LEU B 82 -8.22 -0.57 36.81
N ALA B 83 -7.77 -0.91 35.60
CA ALA B 83 -8.71 -1.37 34.58
C ALA B 83 -9.40 -2.67 34.98
N ASP B 84 -8.72 -3.52 35.74
CA ASP B 84 -9.27 -4.83 36.09
C ASP B 84 -10.16 -4.82 37.32
N ASP B 85 -10.42 -3.66 37.94
CA ASP B 85 -11.37 -3.66 39.07
C ASP B 85 -12.80 -3.84 38.58
N GLU B 86 -13.08 -3.49 37.32
CA GLU B 86 -14.38 -3.75 36.70
C GLU B 86 -15.50 -3.17 37.54
N SER B 87 -15.24 -1.95 38.06
CA SER B 87 -16.23 -1.22 38.83
C SER B 87 -17.37 -0.72 37.96
N LEU B 88 -17.09 -0.45 36.69
CA LEU B 88 -18.11 -0.03 35.73
C LEU B 88 -18.56 -1.16 34.82
N GLY B 89 -18.14 -2.39 35.08
CA GLY B 89 -18.49 -3.52 34.24
C GLY B 89 -17.30 -4.01 33.43
N PHE B 90 -17.56 -5.11 32.69
CA PHE B 90 -16.57 -5.74 31.80
C PHE B 90 -16.04 -4.73 30.80
N PRO B 91 -14.72 -4.50 30.74
CA PRO B 91 -14.22 -3.33 29.98
C PRO B 91 -13.73 -3.60 28.56
N SER B 92 -14.04 -2.66 27.67
CA SER B 92 -13.41 -2.54 26.36
C SER B 92 -12.87 -1.13 26.25
N PHE B 93 -11.98 -0.89 25.28
CA PHE B 93 -11.26 0.37 25.20
C PHE B 93 -11.27 0.89 23.78
N LEU B 94 -11.65 2.15 23.61
CA LEU B 94 -11.92 2.70 22.30
C LEU B 94 -11.08 3.96 22.12
N PHE B 95 -10.24 3.95 21.10
CA PHE B 95 -9.36 5.06 20.75
C PHE B 95 -9.92 5.64 19.46
N VAL B 96 -10.19 6.93 19.45
CA VAL B 96 -10.91 7.58 18.36
C VAL B 96 -9.95 8.49 17.61
N GLU B 97 -9.96 8.40 16.28
CA GLU B 97 -9.09 9.24 15.46
C GLU B 97 -9.76 9.49 14.10
N GLY B 98 -10.51 10.58 14.02
CA GLY B 98 -11.29 10.84 12.80
C GLY B 98 -12.23 9.69 12.52
N ASP B 99 -12.14 9.15 11.31
CA ASP B 99 -13.02 8.08 10.85
C ASP B 99 -12.46 6.70 11.15
N THR B 100 -11.42 6.62 11.96
CA THR B 100 -10.84 5.35 12.35
C THR B 100 -10.87 5.22 13.86
N ILE B 101 -10.90 3.98 14.36
CA ILE B 101 -10.83 3.72 15.79
C ILE B 101 -9.86 2.58 16.05
N GLY B 102 -9.32 2.54 17.26
CA GLY B 102 -8.69 1.35 17.81
C GLY B 102 -9.62 0.80 18.86
N PHE B 103 -9.59 -0.52 19.06
CA PHE B 103 -10.57 -1.16 19.93
C PHE B 103 -9.99 -2.42 20.57
N ALA B 104 -10.03 -2.50 21.89
CA ALA B 104 -9.49 -3.63 22.62
C ALA B 104 -10.51 -4.05 23.66
N ARG B 105 -10.78 -5.34 23.74
CA ARG B 105 -11.82 -5.85 24.62
C ARG B 105 -11.28 -6.95 25.50
N THR B 106 -11.68 -6.93 26.77
CA THR B 106 -11.46 -8.07 27.65
C THR B 106 -12.27 -9.26 27.14
N VAL B 107 -12.25 -10.37 27.89
CA VAL B 107 -12.94 -11.57 27.42
C VAL B 107 -14.45 -11.34 27.33
N PHE B 108 -15.03 -10.59 28.27
CA PHE B 108 -16.45 -10.33 28.32
C PHE B 108 -16.82 -8.88 28.04
N GLY B 109 -15.85 -8.05 27.66
CA GLY B 109 -16.11 -6.67 27.34
C GLY B 109 -17.00 -6.55 26.13
N PRO B 110 -17.63 -5.40 25.96
CA PRO B 110 -18.52 -5.19 24.80
C PRO B 110 -17.75 -5.25 23.49
N THR B 111 -18.50 -5.53 22.41
CA THR B 111 -17.95 -5.71 21.07
C THR B 111 -18.23 -4.49 20.20
N THR B 112 -17.63 -4.45 19.01
CA THR B 112 -17.97 -3.36 18.10
C THR B 112 -19.43 -3.45 17.65
N SER B 113 -20.02 -4.64 17.71
CA SER B 113 -21.46 -4.75 17.48
C SER B 113 -22.22 -4.03 18.58
N ASP B 114 -21.81 -4.25 19.84
CA ASP B 114 -22.35 -3.49 20.94
C ASP B 114 -22.15 -2.00 20.71
N LEU B 115 -20.96 -1.60 20.30
CA LEU B 115 -20.70 -0.18 20.09
C LEU B 115 -21.58 0.41 18.99
N THR B 116 -21.91 -0.39 17.98
CA THR B 116 -22.82 0.09 16.94
C THR B 116 -24.20 0.36 17.51
N ASP B 117 -24.72 -0.59 18.30
CA ASP B 117 -26.02 -0.46 18.95
C ASP B 117 -26.03 0.73 19.91
N PHE B 118 -24.96 0.91 20.67
CA PHE B 118 -24.84 2.07 21.54
C PHE B 118 -25.02 3.36 20.76
N LEU B 119 -24.37 3.46 19.59
CA LEU B 119 -24.46 4.68 18.81
C LEU B 119 -25.85 4.88 18.23
N ILE B 120 -26.50 3.80 17.78
CA ILE B 120 -27.90 3.87 17.38
C ILE B 120 -28.77 4.32 18.55
N GLY B 121 -28.75 3.55 19.64
CA GLY B 121 -29.62 3.82 20.76
C GLY B 121 -29.36 5.16 21.43
N LYS B 122 -28.16 5.69 21.28
CA LYS B 122 -27.80 6.99 21.87
C LYS B 122 -28.20 8.14 20.94
N GLY B 123 -28.70 7.84 19.75
CA GLY B 123 -29.20 8.88 18.88
C GLY B 123 -28.31 9.35 17.74
N MSE B 124 -27.38 8.53 17.26
CA MSE B 124 -26.80 8.77 15.94
C MSE B 124 -27.83 9.24 14.90
O MSE B 124 -28.82 8.54 14.65
CB MSE B 124 -26.13 7.51 15.38
CG MSE B 124 -25.23 7.84 14.20
SE MSE B 124 -23.76 9.01 14.74
CE MSE B 124 -23.54 10.17 13.35
N SER B 125 -27.59 10.40 14.28
CA SER B 125 -28.49 10.86 13.23
C SER B 125 -28.27 10.05 11.96
N LEU B 126 -29.37 9.51 11.41
CA LEU B 126 -29.29 8.60 10.28
C LEU B 126 -30.48 8.84 9.37
N SER B 127 -30.21 9.18 8.10
CA SER B 127 -31.23 9.23 7.05
C SER B 127 -31.99 7.92 7.01
N SER B 128 -33.18 7.92 6.37
CA SER B 128 -33.87 6.66 6.13
C SER B 128 -32.97 5.77 5.29
N GLY B 129 -32.87 4.51 5.69
CA GLY B 129 -31.97 3.58 5.04
C GLY B 129 -30.49 3.75 5.34
N GLU B 130 -30.10 4.76 6.12
CA GLU B 130 -28.70 4.91 6.49
C GLU B 130 -28.42 4.18 7.79
N ARG B 131 -27.29 3.50 7.84
CA ARG B 131 -26.88 2.73 9.00
C ARG B 131 -25.43 3.05 9.36
N VAL B 132 -25.12 2.84 10.64
CA VAL B 132 -23.76 2.98 11.15
C VAL B 132 -22.98 1.72 10.82
N GLN B 133 -21.72 1.89 10.38
CA GLN B 133 -20.86 0.75 10.10
C GLN B 133 -19.51 0.89 10.79
N ILE B 134 -19.10 -0.16 11.51
CA ILE B 134 -17.74 -0.30 12.04
C ILE B 134 -17.09 -1.48 11.30
N GLU B 135 -16.12 -1.14 10.42
CA GLU B 135 -15.50 -2.09 9.48
C GLU B 135 -14.11 -2.49 9.97
N PRO B 136 -13.86 -3.76 10.25
CA PRO B 136 -12.50 -4.16 10.63
C PRO B 136 -11.52 -3.90 9.49
N LEU B 137 -10.40 -3.25 9.82
CA LEU B 137 -9.30 -3.02 8.89
C LEU B 137 -8.11 -3.97 9.14
N MSE B 138 -7.63 -4.03 10.38
CA MSE B 138 -6.53 -4.92 10.77
C MSE B 138 -6.80 -5.56 12.10
O MSE B 138 -7.43 -4.96 12.97
CB MSE B 138 -5.24 -4.17 10.87
CG MSE B 138 -4.94 -3.39 9.63
SE MSE B 138 -3.33 -2.40 9.97
CE MSE B 138 -2.14 -3.93 10.26
N ARG B 139 -6.35 -6.78 12.33
CA ARG B 139 -6.59 -7.41 13.61
C ARG B 139 -5.28 -7.68 14.32
N GLY B 140 -5.20 -7.30 15.59
CA GLY B 140 -4.03 -7.61 16.38
C GLY B 140 -4.00 -9.09 16.70
N THR B 141 -2.81 -9.67 16.62
CA THR B 141 -2.64 -11.09 16.90
C THR B 141 -1.49 -11.26 17.90
N THR B 142 -1.34 -12.47 18.39
CA THR B 142 -0.24 -12.85 19.27
C THR B 142 0.58 -13.96 18.60
N LYS B 143 1.61 -14.41 19.32
CA LYS B 143 2.54 -15.39 18.82
C LYS B 143 1.91 -16.78 18.77
N ASP B 144 1.20 -17.20 19.82
CA ASP B 144 0.52 -18.49 19.75
C ASP B 144 -0.56 -18.51 18.70
N ASP B 145 -1.25 -17.37 18.48
CA ASP B 145 -2.26 -17.35 17.44
C ASP B 145 -1.63 -17.48 16.07
N VAL B 146 -0.46 -16.85 15.88
CA VAL B 146 0.25 -16.98 14.61
C VAL B 146 0.62 -18.42 14.32
N MSE B 147 0.92 -19.19 15.36
CA MSE B 147 1.34 -20.57 15.19
C MSE B 147 0.21 -21.47 14.75
O MSE B 147 0.47 -22.55 14.21
CB MSE B 147 1.94 -21.10 16.48
CG MSE B 147 3.16 -20.34 16.92
SE MSE B 147 4.78 -20.79 15.89
CE MSE B 147 5.01 -19.13 15.02
N HIS B 148 -1.03 -21.05 14.97
CA HIS B 148 -2.20 -21.82 14.56
C HIS B 148 -2.78 -21.34 13.24
N MSE B 149 -2.19 -20.33 12.61
CA MSE B 149 -2.72 -19.81 11.35
C MSE B 149 -2.65 -20.81 10.22
O MSE B 149 -1.63 -21.47 10.01
CB MSE B 149 -1.98 -18.54 10.92
CG MSE B 149 -2.68 -17.30 11.36
SE MSE B 149 -1.59 -15.71 11.36
CE MSE B 149 -0.86 -15.71 9.66
N HIS B 150 -3.76 -20.91 9.50
CA HIS B 150 -3.88 -21.89 8.44
C HIS B 150 -3.03 -21.51 7.24
N PHE B 151 -3.10 -20.25 6.82
CA PHE B 151 -2.39 -19.75 5.65
C PHE B 151 -1.75 -18.41 5.98
N ILE B 152 -0.50 -18.22 5.56
CA ILE B 152 0.17 -16.92 5.71
C ILE B 152 0.77 -16.50 4.38
N GLY B 153 0.40 -15.32 3.92
CA GLY B 153 0.96 -14.77 2.71
C GLY B 153 1.95 -13.68 3.03
N ARG B 154 1.82 -12.54 2.34
CA ARG B 154 2.80 -11.47 2.45
C ARG B 154 3.03 -11.06 3.91
N THR B 155 4.29 -11.10 4.32
CA THR B 155 4.71 -10.83 5.69
C THR B 155 5.67 -9.65 5.66
N THR B 156 5.40 -8.65 6.49
CA THR B 156 6.13 -7.38 6.48
C THR B 156 6.78 -7.22 7.85
N VAL B 157 8.11 -7.19 7.87
CA VAL B 157 8.87 -7.15 9.11
C VAL B 157 9.41 -5.73 9.26
N LYS B 158 8.95 -5.04 10.29
CA LYS B 158 9.33 -3.66 10.54
C LYS B 158 10.42 -3.62 11.61
N VAL B 159 11.49 -2.88 11.33
CA VAL B 159 12.65 -2.81 12.22
C VAL B 159 12.95 -1.33 12.54
N GLU B 160 12.70 -0.92 13.79
CA GLU B 160 13.12 0.41 14.23
C GLU B 160 14.63 0.54 14.11
N ALA B 161 15.10 1.74 13.78
CA ALA B 161 16.51 1.91 13.47
C ALA B 161 17.40 1.65 14.67
N LYS B 162 16.85 1.67 15.89
CA LYS B 162 17.67 1.43 17.07
C LYS B 162 18.07 -0.04 17.22
N LEU B 163 17.38 -0.96 16.55
CA LEU B 163 17.68 -2.38 16.67
C LEU B 163 19.02 -2.70 16.00
N PRO B 164 19.85 -3.52 16.63
CA PRO B 164 21.12 -3.93 15.98
C PRO B 164 20.93 -4.50 14.58
N VAL B 165 19.94 -5.37 14.39
CA VAL B 165 19.71 -5.99 13.09
C VAL B 165 19.44 -4.97 12.00
N PHE B 166 18.98 -3.77 12.36
CA PHE B 166 18.79 -2.73 11.35
C PHE B 166 20.10 -2.48 10.60
N GLY B 167 21.20 -2.29 11.34
CA GLY B 167 22.49 -2.04 10.70
C GLY B 167 23.04 -3.27 10.02
N ASP B 168 22.70 -4.45 10.53
CA ASP B 168 23.09 -5.70 9.87
C ASP B 168 22.57 -5.75 8.43
N ILE B 169 21.29 -5.45 8.24
CA ILE B 169 20.67 -5.64 6.94
C ILE B 169 21.20 -4.62 5.94
N LEU B 170 21.35 -3.36 6.36
CA LEU B 170 21.88 -2.35 5.45
C LEU B 170 23.30 -2.69 5.05
N LYS B 171 24.09 -3.19 5.99
CA LYS B 171 25.48 -3.51 5.70
C LYS B 171 25.58 -4.61 4.65
N VAL B 172 24.80 -5.69 4.79
CA VAL B 172 24.89 -6.78 3.82
C VAL B 172 24.47 -6.33 2.42
N LEU B 173 23.73 -5.22 2.32
CA LEU B 173 23.43 -4.61 1.04
C LEU B 173 24.55 -3.74 0.52
N GLY B 174 25.44 -3.30 1.40
CA GLY B 174 26.59 -2.52 0.97
C GLY B 174 26.79 -1.21 1.70
N ALA B 175 26.08 -1.01 2.81
CA ALA B 175 26.19 0.24 3.55
C ALA B 175 27.47 0.26 4.37
N THR B 176 28.30 1.27 4.18
CA THR B 176 29.54 1.37 4.91
C THR B 176 29.44 2.30 6.11
N ASP B 177 28.50 3.24 6.10
CA ASP B 177 28.35 4.16 7.21
C ASP B 177 26.86 4.48 7.37
N ILE B 178 26.28 3.97 8.44
CA ILE B 178 24.88 4.17 8.75
C ILE B 178 24.84 5.15 9.93
N GLU B 179 24.37 6.37 9.67
CA GLU B 179 24.10 7.36 10.71
C GLU B 179 22.66 7.19 11.17
N GLY B 180 22.46 6.46 12.27
CA GLY B 180 21.13 6.16 12.77
C GLY B 180 20.24 7.37 12.96
N GLU B 181 20.86 8.55 13.12
CA GLU B 181 20.08 9.77 13.31
C GLU B 181 19.28 10.14 12.08
N LEU B 182 19.62 9.61 10.91
CA LEU B 182 18.91 9.95 9.69
C LEU B 182 17.69 9.08 9.45
N PHE B 183 17.53 7.99 10.19
CA PHE B 183 16.60 6.93 9.82
C PHE B 183 15.50 6.76 10.85
N ASP B 184 14.30 6.48 10.35
CA ASP B 184 13.21 6.02 11.19
C ASP B 184 13.21 4.50 11.35
N SER B 185 13.24 3.77 10.23
CA SER B 185 13.04 2.32 10.27
C SER B 185 13.32 1.75 8.89
N LEU B 186 13.29 0.43 8.81
CA LEU B 186 13.21 -0.27 7.53
C LEU B 186 12.18 -1.38 7.65
N ASP B 187 11.54 -1.69 6.51
CA ASP B 187 10.65 -2.84 6.40
C ASP B 187 11.22 -3.87 5.44
N ILE B 188 11.10 -5.15 5.81
CA ILE B 188 11.32 -6.28 4.93
C ILE B 188 9.95 -6.83 4.54
N VAL B 189 9.55 -6.55 3.31
CA VAL B 189 8.29 -7.06 2.77
C VAL B 189 8.58 -8.38 2.05
N ILE B 190 8.12 -9.47 2.62
CA ILE B 190 8.40 -10.80 2.10
C ILE B 190 7.21 -11.25 1.29
N LYS B 191 7.37 -11.27 -0.03
CA LYS B 191 6.25 -11.46 -0.95
C LYS B 191 6.24 -12.88 -1.48
N PRO B 192 5.19 -13.68 -1.23
CA PRO B 192 5.12 -15.02 -1.82
C PRO B 192 4.88 -14.97 -3.32
N LYS B 193 5.14 -16.12 -3.96
CA LYS B 193 4.90 -16.31 -5.39
C LYS B 193 3.55 -16.97 -5.57
N PHE B 194 2.72 -16.37 -6.41
CA PHE B 194 1.33 -16.82 -6.60
C PHE B 194 0.63 -16.73 -5.24
N LYS B 195 -0.33 -17.61 -4.97
CA LYS B 195 -0.93 -17.67 -3.64
C LYS B 195 -0.25 -18.72 -2.78
N ARG B 196 1.08 -18.70 -2.71
CA ARG B 196 1.83 -19.72 -1.98
C ARG B 196 1.93 -19.41 -0.50
N ASP B 197 1.85 -20.45 0.31
CA ASP B 197 1.85 -20.32 1.77
C ASP B 197 3.29 -20.21 2.25
N ILE B 198 3.65 -19.04 2.79
CA ILE B 198 5.00 -18.87 3.30
C ILE B 198 4.99 -18.86 4.83
N LYS B 199 4.11 -19.68 5.42
CA LYS B 199 3.97 -19.64 6.86
C LYS B 199 5.15 -20.24 7.60
N LYS B 200 5.99 -21.05 6.97
CA LYS B 200 7.11 -21.63 7.70
C LYS B 200 8.19 -20.59 7.96
N VAL B 201 8.56 -19.82 6.93
CA VAL B 201 9.46 -18.71 7.15
C VAL B 201 8.82 -17.68 8.09
N ALA B 202 7.59 -17.26 7.80
CA ALA B 202 6.90 -16.30 8.66
C ALA B 202 6.87 -16.74 10.14
N LYS B 203 6.55 -18.01 10.40
CA LYS B 203 6.57 -18.50 11.77
C LYS B 203 7.98 -18.48 12.37
N ASP B 204 9.01 -18.78 11.54
CA ASP B 204 10.39 -18.87 12.05
C ASP B 204 10.91 -17.53 12.53
N ILE B 205 10.59 -16.46 11.79
CA ILE B 205 10.97 -15.12 12.17
C ILE B 205 10.20 -14.67 13.41
N ILE B 206 8.90 -14.95 13.45
CA ILE B 206 8.05 -14.40 14.51
C ILE B 206 8.35 -15.09 15.82
N PHE B 207 8.73 -16.36 15.79
CA PHE B 207 8.99 -17.10 17.02
C PHE B 207 10.46 -17.14 17.38
N ASN B 208 11.30 -16.41 16.66
CA ASN B 208 12.71 -16.29 16.98
C ASN B 208 12.88 -15.85 18.44
N PRO B 209 13.57 -16.63 19.27
CA PRO B 209 13.71 -16.23 20.69
C PRO B 209 14.53 -14.97 20.89
N SER B 210 15.34 -14.59 19.89
CA SER B 210 15.98 -13.30 19.71
C SER B 210 15.22 -12.53 18.62
N PRO B 211 14.07 -11.94 18.94
CA PRO B 211 13.29 -11.28 17.89
C PRO B 211 14.13 -10.23 17.18
N GLN B 212 14.15 -10.31 15.86
CA GLN B 212 14.85 -9.33 15.02
C GLN B 212 13.87 -8.34 14.39
N PHE B 213 12.81 -7.95 15.11
CA PHE B 213 11.81 -7.01 14.61
C PHE B 213 11.23 -6.18 15.74
N SER B 214 10.75 -4.96 15.39
CA SER B 214 9.93 -4.14 16.26
C SER B 214 8.45 -4.47 16.15
N ASP B 215 7.95 -4.63 14.93
CA ASP B 215 6.57 -4.99 14.66
C ASP B 215 6.54 -5.92 13.46
N ILE B 216 5.40 -6.58 13.27
CA ILE B 216 5.18 -7.43 12.11
C ILE B 216 3.73 -7.30 11.68
N SER B 217 3.51 -7.06 10.40
CA SER B 217 2.20 -7.15 9.77
C SER B 217 2.22 -8.30 8.79
N LEU B 218 1.16 -9.09 8.77
CA LEU B 218 1.10 -10.17 7.79
C LEU B 218 -0.32 -10.36 7.31
N ARG B 219 -0.44 -10.82 6.07
CA ARG B 219 -1.73 -11.18 5.49
C ARG B 219 -1.91 -12.67 5.69
N ALA B 220 -3.03 -13.07 6.29
CA ALA B 220 -3.17 -14.47 6.66
C ALA B 220 -4.62 -14.92 6.67
N LYS B 221 -4.80 -16.24 6.70
CA LYS B 221 -6.07 -16.89 6.99
C LYS B 221 -5.96 -17.69 8.28
N ASP B 222 -6.84 -17.43 9.24
CA ASP B 222 -6.85 -18.18 10.48
C ASP B 222 -7.21 -19.64 10.25
N GLU B 223 -8.26 -19.87 9.48
CA GLU B 223 -8.75 -21.19 9.15
C GLU B 223 -8.90 -21.29 7.65
N ALA B 224 -9.12 -22.52 7.19
CA ALA B 224 -9.56 -22.72 5.83
C ALA B 224 -10.87 -21.95 5.61
N GLY B 225 -10.98 -21.31 4.44
CA GLY B 225 -12.16 -20.57 4.10
C GLY B 225 -12.19 -19.16 4.63
N ASP B 226 -11.27 -18.77 5.50
CA ASP B 226 -11.26 -17.39 5.95
C ASP B 226 -10.78 -16.48 4.84
N ILE B 227 -11.12 -15.21 4.97
CA ILE B 227 -10.68 -14.16 4.06
C ILE B 227 -9.24 -13.77 4.40
N LEU B 228 -8.46 -13.49 3.36
CA LEU B 228 -7.14 -12.93 3.56
C LEU B 228 -7.27 -11.63 4.31
N THR B 229 -6.67 -11.58 5.50
CA THR B 229 -6.85 -10.50 6.48
C THR B 229 -5.51 -10.02 7.00
N GLU B 230 -5.34 -8.72 7.05
CA GLU B 230 -4.12 -8.14 7.60
C GLU B 230 -4.09 -8.20 9.15
N HIS B 231 -3.06 -8.81 9.69
CA HIS B 231 -2.84 -8.91 11.13
C HIS B 231 -1.58 -8.16 11.49
N TYR B 232 -1.52 -7.68 12.73
CA TYR B 232 -0.35 -6.98 13.20
C TYR B 232 0.02 -7.51 14.57
N LEU B 233 1.27 -7.28 14.92
CA LEU B 233 1.88 -7.91 16.08
C LEU B 233 2.99 -6.99 16.55
N SER B 234 3.01 -6.71 17.85
CA SER B 234 4.08 -5.94 18.45
C SER B 234 5.03 -6.89 19.17
N GLU B 235 6.34 -6.60 19.11
CA GLU B 235 7.31 -7.38 19.88
C GLU B 235 7.02 -7.27 21.38
N LYS B 236 6.94 -6.03 21.88
CA LYS B 236 6.35 -5.77 23.18
C LYS B 236 4.83 -5.82 23.03
N GLY B 237 4.26 -6.99 23.30
CA GLY B 237 2.83 -7.18 23.07
C GLY B 237 1.97 -6.15 23.78
N HIS B 238 2.26 -5.91 25.06
CA HIS B 238 1.65 -4.86 25.88
C HIS B 238 0.13 -4.94 25.95
N LEU B 239 -0.56 -4.74 24.82
CA LEU B 239 -2.03 -4.77 24.83
C LEU B 239 -2.58 -6.19 24.87
N SER B 240 -1.83 -7.16 24.33
CA SER B 240 -2.22 -8.56 24.47
C SER B 240 -2.19 -9.01 25.94
N ALA B 241 -1.33 -8.40 26.76
CA ALA B 241 -1.05 -8.90 28.10
C ALA B 241 -2.30 -8.85 28.99
N PRO B 242 -2.33 -9.61 30.08
CA PRO B 242 -3.39 -9.45 31.08
C PRO B 242 -3.28 -8.10 31.76
N LEU B 243 -4.39 -7.69 32.35
CA LEU B 243 -4.53 -6.32 32.85
C LEU B 243 -3.59 -6.09 34.04
N ASN B 244 -3.94 -6.63 35.21
CA ASN B 244 -3.03 -6.72 36.34
C ASN B 244 -2.35 -5.41 36.70
N LYS B 245 -2.98 -4.59 37.55
CA LYS B 245 -2.39 -3.34 38.05
C LYS B 245 -2.28 -2.25 36.98
N VAL B 246 -2.54 -2.57 35.72
CA VAL B 246 -2.57 -1.51 34.72
C VAL B 246 -3.76 -0.60 35.02
N THR B 247 -3.59 0.68 34.72
CA THR B 247 -4.67 1.62 34.91
C THR B 247 -5.30 1.96 33.56
N ASN B 248 -6.54 2.47 33.62
CA ASN B 248 -7.25 2.87 32.41
C ASN B 248 -6.42 3.84 31.57
N ALA B 249 -5.73 4.77 32.23
CA ALA B 249 -4.94 5.74 31.49
C ALA B 249 -3.69 5.10 30.87
N GLU B 250 -3.15 4.07 31.51
CA GLU B 250 -1.99 3.40 30.92
C GLU B 250 -2.37 2.60 29.67
N ILE B 251 -3.56 2.02 29.63
CA ILE B 251 -4.04 1.37 28.41
C ILE B 251 -4.27 2.41 27.31
N ALA B 252 -4.79 3.60 27.68
CA ALA B 252 -5.03 4.64 26.68
C ALA B 252 -3.72 5.16 26.10
N GLU B 253 -2.65 5.20 26.89
CA GLU B 253 -1.34 5.55 26.36
C GLU B 253 -0.81 4.44 25.44
N GLU B 254 -1.07 3.18 25.80
CA GLU B 254 -0.61 2.08 24.96
C GLU B 254 -1.28 2.11 23.60
N MSE B 255 -2.52 2.54 23.57
CA MSE B 255 -3.28 2.56 22.35
C MSE B 255 -2.88 3.70 21.46
O MSE B 255 -2.71 3.50 20.27
CB MSE B 255 -4.75 2.59 22.73
CG MSE B 255 -5.18 1.21 23.17
SE MSE B 255 -7.08 1.03 23.33
CE MSE B 255 -7.52 0.35 21.51
N ALA B 256 -2.71 4.90 22.02
CA ALA B 256 -2.20 6.00 21.20
C ALA B 256 -0.83 5.66 20.64
N TYR B 257 -0.02 4.92 21.41
CA TYR B 257 1.27 4.46 20.93
C TYR B 257 1.13 3.47 19.80
N CYS B 258 0.29 2.46 20.00
CA CYS B 258 0.02 1.48 18.95
C CYS B 258 -0.50 2.14 17.67
N TYR B 259 -1.45 3.06 17.81
CA TYR B 259 -2.01 3.71 16.62
C TYR B 259 -0.94 4.52 15.90
N ALA B 260 -0.04 5.17 16.65
CA ALA B 260 1.05 5.91 16.02
C ALA B 260 1.97 4.96 15.24
N ARG B 261 2.30 3.82 15.82
CA ARG B 261 3.13 2.84 15.13
C ARG B 261 2.47 2.37 13.85
N MSE B 262 1.16 2.09 13.91
CA MSE B 262 0.40 1.52 12.80
C MSE B 262 -0.29 2.48 11.87
O MSE B 262 -0.92 2.04 10.92
CB MSE B 262 -0.69 0.56 13.31
CG MSE B 262 -0.22 -0.53 14.23
SE MSE B 262 1.19 -1.61 13.37
CE MSE B 262 0.30 -2.17 11.70
N LYS B 263 -0.22 3.78 12.16
CA LYS B 263 -1.08 4.73 11.48
C LYS B 263 -0.92 4.64 9.97
N SER B 264 0.32 4.44 9.51
CA SER B 264 0.61 4.33 8.10
C SER B 264 -0.10 3.12 7.49
N ASP B 265 -0.03 1.98 8.16
CA ASP B 265 -0.78 0.82 7.70
C ASP B 265 -2.27 1.08 7.72
N ILE B 266 -2.78 1.64 8.84
CA ILE B 266 -4.22 1.88 9.00
C ILE B 266 -4.78 2.62 7.79
N LEU B 267 -4.19 3.77 7.46
CA LEU B 267 -4.76 4.59 6.41
C LEU B 267 -4.63 3.92 5.05
N GLU B 268 -3.57 3.12 4.86
CA GLU B 268 -3.46 2.26 3.70
C GLU B 268 -4.67 1.34 3.60
N CYS B 269 -4.91 0.55 4.65
CA CYS B 269 -6.10 -0.29 4.74
C CYS B 269 -7.36 0.51 4.48
N PHE B 270 -7.47 1.66 5.17
CA PHE B 270 -8.67 2.48 5.06
C PHE B 270 -9.00 2.79 3.62
N LYS B 271 -8.01 3.25 2.87
CA LYS B 271 -8.29 3.75 1.53
C LYS B 271 -8.62 2.62 0.57
N ARG B 272 -8.07 1.43 0.79
CA ARG B 272 -8.41 0.33 -0.10
C ARG B 272 -9.78 -0.24 0.24
N GLN B 273 -9.97 -0.68 1.49
CA GLN B 273 -11.17 -1.40 1.88
C GLN B 273 -12.40 -0.52 1.85
N VAL B 274 -12.28 0.69 2.40
CA VAL B 274 -13.42 1.57 2.61
C VAL B 274 -13.57 2.55 1.45
N GLY B 275 -12.51 3.27 1.10
CA GLY B 275 -12.64 4.30 0.10
C GLY B 275 -12.87 5.62 0.82
N LYS B 276 -13.59 6.54 0.21
CA LYS B 276 -13.71 7.85 0.82
C LYS B 276 -14.89 7.92 1.78
N VAL B 277 -14.73 8.77 2.80
CA VAL B 277 -15.77 9.08 3.78
C VAL B 277 -15.88 10.59 3.84
N LYS B 278 -17.10 11.13 3.75
CA LYS B 278 -17.32 12.57 3.86
C LYS B 278 -17.85 12.88 5.26
N ASP B 279 -16.99 13.38 6.15
CA ASP B 279 -15.68 13.92 5.82
C ASP B 279 -14.49 13.20 6.49
S SO4 C . 11.74 16.69 -23.14
O1 SO4 C . 11.46 15.33 -22.63
O2 SO4 C . 12.21 17.52 -22.01
O3 SO4 C . 10.51 17.26 -23.70
O4 SO4 C . 12.76 16.70 -24.18
S SO4 D . 7.91 11.74 -22.27
O1 SO4 D . 8.62 11.15 -21.13
O2 SO4 D . 7.38 10.62 -23.08
O3 SO4 D . 8.82 12.61 -23.06
O4 SO4 D . 6.79 12.55 -21.76
S SO4 E . -3.18 -7.08 -38.67
O1 SO4 E . -3.36 -8.47 -38.21
O2 SO4 E . -2.99 -6.21 -37.51
O3 SO4 E . -2.02 -6.97 -39.57
O4 SO4 E . -4.39 -6.65 -39.38
S SO4 F . -7.67 -0.98 -46.47
O1 SO4 F . -7.64 -2.17 -47.33
O2 SO4 F . -7.55 -1.36 -45.07
O3 SO4 F . -6.56 -0.08 -46.84
O4 SO4 F . -8.95 -0.27 -46.64
CD CD G . 10.83 12.92 -40.56
CD CD H . 14.88 12.63 -12.93
S SO4 I . -26.48 5.50 35.08
O1 SO4 I . -26.41 4.45 36.09
O2 SO4 I . -27.16 4.93 33.91
O3 SO4 I . -25.14 5.96 34.76
O4 SO4 I . -27.29 6.61 35.55
S SO4 J . 9.71 -0.07 20.22
O1 SO4 J . 10.24 0.11 21.58
O2 SO4 J . 8.29 -0.41 20.32
O3 SO4 J . 10.45 -1.18 19.57
O4 SO4 J . 9.91 1.17 19.44
S SO4 K . -15.37 -7.72 17.56
O1 SO4 K . -16.50 -8.61 17.25
O2 SO4 K . -15.70 -6.84 18.69
O3 SO4 K . -14.21 -8.59 17.88
O4 SO4 K . -15.07 -6.88 16.39
S SO4 L . -8.46 -10.57 28.80
O1 SO4 L . -7.98 -11.96 28.80
O2 SO4 L . -9.78 -10.57 29.41
O3 SO4 L . -7.57 -9.66 29.56
O4 SO4 L . -8.51 -10.09 27.41
CD CD M . -23.73 10.57 -4.13
CD CD N . -7.04 -23.50 2.30
CD CD O . -4.24 -2.86 3.45
CD CD P . 0.43 -2.40 19.03
CD CD Q . -6.96 -24.26 12.82
CD CD R . -7.73 -13.38 12.33
CD CD S . -2.70 -1.98 6.45
#